data_7D9B
#
_entry.id   7D9B
#
_cell.length_a   116.503
_cell.length_b   116.503
_cell.length_c   106.638
_cell.angle_alpha   90.000
_cell.angle_beta   90.000
_cell.angle_gamma   90.000
#
_symmetry.space_group_name_H-M   'P 41 2 2'
#
loop_
_entity.id
_entity.type
_entity.pdbx_description
1 polymer Alpha-glycosidase
2 non-polymer '2-(N-MORPHOLINO)-ETHANESULFONIC ACID'
3 non-polymer GLYCEROL
4 non-polymer 'CALCIUM ION'
5 non-polymer 'SULFATE ION'
6 water water
#
_entity_poly.entity_id   1
_entity_poly.type   'polypeptide(L)'
_entity_poly.pdbx_seq_one_letter_code
;MGNLAGIMHRPDSEMAYVVNEQTVNIRLRTAKDDIVSVELLAGDPYSLRSLPTDEKFYQVPKQMTKIMSDGISDFWQVTV
TEPKRRLAYAFLVTDMLGIQKIYSDKGFFKVADADLMDMNFYFRMPFFQTIDQYNAPEWVTDTVWYQIFPERFANGDVSN
DPVGTKPWDSTDHPGREDFYGGDLQGILDHLDHLQELGISGIYLNPIFQAPSNHKYDTQDYMTVDPHFGDAKLFKQLVQA
AHERGIRVMLDAVFNHIGDKSVQWQDVLKNEQASPYADWFHIHQFPATYTPTDNFEFAADATYDTFDYTPHMPKLNTSNP
EVVDYLLNIATYWVKEFDIDAWRLDVANEIDHHFWRKFHDAMMALKPDFYILGEIWHTSQSWLVGDEFTAVMNYSYTGAI
LQYFLENESADALVQKMSHQLMLYRDATNRMMFNTVDSHDTPRLMTLAHEDKQLAKSILTFTFMQPGVPSIYYGTEYGMT
GENDPDDRKPMVWQPELQDHDLYDFMQKLVQVRRQVIAKLSDDKIIFDVIGERQIRLTREDNQTRIVGVFNNGTTDLTVA
QPTSILLKTNQSETQLAPNDFMIWTEPVR
;
_entity_poly.pdbx_strand_id   A
#
# COMPACT_ATOMS: atom_id res chain seq x y z
N GLY A 2 -23.55 27.94 8.02
CA GLY A 2 -22.54 26.89 8.00
C GLY A 2 -21.31 27.35 7.25
N ASN A 3 -20.33 26.47 7.19
CA ASN A 3 -19.04 26.76 6.56
C ASN A 3 -19.09 26.28 5.11
N LEU A 4 -19.59 27.13 4.23
CA LEU A 4 -19.77 26.71 2.84
C LEU A 4 -18.45 26.40 2.16
N ALA A 5 -17.37 27.12 2.49
CA ALA A 5 -16.10 26.88 1.83
C ALA A 5 -15.51 25.52 2.20
N GLY A 6 -15.95 24.94 3.32
CA GLY A 6 -15.53 23.63 3.73
C GLY A 6 -16.30 22.49 3.14
N ILE A 7 -17.29 22.76 2.29
CA ILE A 7 -18.10 21.70 1.69
C ILE A 7 -17.61 21.44 0.26
N MET A 8 -17.43 20.16 -0.10
CA MET A 8 -17.00 19.90 -1.47
C MET A 8 -17.41 18.51 -1.88
N HIS A 9 -17.86 18.40 -3.13
CA HIS A 9 -18.03 17.12 -3.77
C HIS A 9 -17.37 17.26 -5.13
N ARG A 10 -16.45 16.33 -5.44
CA ARG A 10 -15.81 16.25 -6.75
C ARG A 10 -16.41 15.08 -7.49
N PRO A 11 -17.20 15.30 -8.54
CA PRO A 11 -17.80 14.15 -9.25
C PRO A 11 -16.71 13.33 -9.93
N ASP A 12 -17.07 12.10 -10.27
CA ASP A 12 -16.16 11.18 -11.01
C ASP A 12 -14.78 11.11 -10.36
N SER A 13 -14.76 10.69 -9.10
CA SER A 13 -13.55 10.65 -8.30
C SER A 13 -13.72 9.61 -7.20
N GLU A 14 -12.81 9.61 -6.22
CA GLU A 14 -13.05 8.80 -5.03
C GLU A 14 -14.32 9.20 -4.30
N MET A 15 -14.92 10.37 -4.62
CA MET A 15 -16.20 10.76 -4.02
C MET A 15 -17.40 10.29 -4.81
N ALA A 16 -17.19 9.67 -5.95
CA ALA A 16 -18.34 9.23 -6.74
C ALA A 16 -17.83 8.15 -7.68
N TYR A 17 -18.04 6.89 -7.30
CA TYR A 17 -17.41 5.82 -8.07
C TYR A 17 -18.29 4.57 -8.10
N VAL A 18 -18.05 3.77 -9.11
CA VAL A 18 -18.84 2.58 -9.40
C VAL A 18 -18.30 1.41 -8.58
N VAL A 19 -19.21 0.69 -7.93
CA VAL A 19 -18.87 -0.51 -7.17
C VAL A 19 -19.26 -1.76 -7.93
N ASN A 20 -20.37 -1.71 -8.62
CA ASN A 20 -20.77 -2.80 -9.52
C ASN A 20 -21.75 -2.24 -10.54
N GLU A 21 -22.31 -3.10 -11.40
CA GLU A 21 -23.05 -2.59 -12.56
C GLU A 21 -24.17 -1.65 -12.17
N GLN A 22 -24.81 -1.86 -11.01
CA GLN A 22 -25.94 -1.01 -10.64
C GLN A 22 -25.71 -0.20 -9.37
N THR A 23 -24.48 -0.14 -8.84
CA THR A 23 -24.27 0.39 -7.51
C THR A 23 -23.08 1.35 -7.50
N VAL A 24 -23.25 2.50 -6.84
CA VAL A 24 -22.19 3.49 -6.71
C VAL A 24 -22.05 3.91 -5.26
N ASN A 25 -20.84 4.39 -4.91
CA ASN A 25 -20.57 5.00 -3.60
C ASN A 25 -20.37 6.49 -3.82
N ILE A 26 -21.01 7.32 -2.98
CA ILE A 26 -20.91 8.77 -3.09
C ILE A 26 -20.49 9.33 -1.75
N ARG A 27 -19.52 10.26 -1.76
CA ARG A 27 -19.02 10.92 -0.56
C ARG A 27 -19.19 12.43 -0.64
N LEU A 28 -19.34 13.05 0.52
CA LEU A 28 -19.30 14.52 0.62
C LEU A 28 -18.32 14.91 1.73
N ARG A 29 -17.52 15.96 1.48
N ARG A 29 -17.55 15.98 1.48
CA ARG A 29 -16.67 16.55 2.51
CA ARG A 29 -16.68 16.56 2.49
C ARG A 29 -17.36 17.77 3.09
C ARG A 29 -17.36 17.79 3.09
N THR A 30 -17.34 17.92 4.42
CA THR A 30 -17.87 19.13 5.08
C THR A 30 -16.84 19.58 6.10
N ALA A 31 -17.00 20.78 6.67
CA ALA A 31 -16.08 21.18 7.75
C ALA A 31 -16.42 20.40 9.01
N LYS A 32 -15.41 20.07 9.81
CA LYS A 32 -15.61 19.18 10.96
C LYS A 32 -16.66 19.77 11.90
N ASP A 33 -17.66 18.95 12.23
CA ASP A 33 -18.71 19.25 13.19
C ASP A 33 -19.55 20.48 12.82
N ASP A 34 -19.50 20.91 11.57
CA ASP A 34 -20.25 22.07 11.12
C ASP A 34 -21.61 21.68 10.58
N ILE A 35 -21.71 20.51 9.96
CA ILE A 35 -22.92 20.04 9.30
C ILE A 35 -23.47 18.90 10.15
N VAL A 36 -24.76 19.02 10.53
CA VAL A 36 -25.39 18.05 11.44
C VAL A 36 -25.91 16.87 10.66
N SER A 37 -26.39 17.11 9.44
CA SER A 37 -26.94 16.00 8.66
C SER A 37 -26.77 16.26 7.18
N VAL A 38 -26.72 15.16 6.41
CA VAL A 38 -26.66 15.23 4.94
C VAL A 38 -27.58 14.18 4.36
N GLU A 39 -28.50 14.60 3.50
CA GLU A 39 -29.30 13.66 2.72
C GLU A 39 -28.92 13.76 1.26
N LEU A 40 -28.99 12.63 0.54
CA LEU A 40 -28.71 12.62 -0.89
C LEU A 40 -30.04 12.62 -1.64
N LEU A 41 -30.18 13.51 -2.62
CA LEU A 41 -31.28 13.45 -3.57
C LEU A 41 -30.72 12.86 -4.86
N ALA A 42 -31.26 11.72 -5.31
CA ALA A 42 -30.60 11.02 -6.42
C ALA A 42 -31.56 10.13 -7.18
N GLY A 43 -31.34 10.03 -8.48
CA GLY A 43 -32.05 9.07 -9.30
C GLY A 43 -31.67 9.24 -10.75
N ASP A 44 -32.40 8.57 -11.62
CA ASP A 44 -32.04 8.64 -13.05
C ASP A 44 -32.30 10.05 -13.58
N PRO A 45 -31.29 10.73 -14.16
CA PRO A 45 -31.53 12.10 -14.65
C PRO A 45 -32.72 12.21 -15.57
N TYR A 46 -32.91 11.22 -16.46
CA TYR A 46 -33.96 11.31 -17.45
C TYR A 46 -35.34 11.07 -16.86
N SER A 47 -35.41 10.50 -15.67
CA SER A 47 -36.71 10.15 -15.11
C SER A 47 -37.54 11.39 -14.81
N LEU A 48 -36.89 12.51 -14.47
CA LEU A 48 -37.60 13.70 -14.00
C LEU A 48 -38.63 14.16 -15.02
N ARG A 49 -38.21 14.32 -16.27
CA ARG A 49 -39.13 14.80 -17.28
C ARG A 49 -39.63 13.73 -18.24
N SER A 50 -38.97 12.58 -18.31
CA SER A 50 -39.44 11.59 -19.29
C SER A 50 -40.52 10.66 -18.78
N LEU A 51 -40.56 10.38 -17.46
CA LEU A 51 -41.57 9.42 -17.01
C LEU A 51 -42.89 10.14 -16.73
N PRO A 52 -44.01 9.50 -17.08
CA PRO A 52 -45.33 10.12 -16.87
C PRO A 52 -45.77 10.20 -15.41
N THR A 53 -45.06 9.56 -14.50
CA THR A 53 -45.48 9.56 -13.11
C THR A 53 -45.30 10.92 -12.43
N ASP A 54 -46.14 11.14 -11.40
CA ASP A 54 -45.99 12.33 -10.56
C ASP A 54 -44.81 12.21 -9.61
N GLU A 55 -44.45 10.99 -9.24
CA GLU A 55 -43.31 10.75 -8.37
C GLU A 55 -42.03 11.29 -9.00
N LYS A 56 -41.17 11.92 -8.18
CA LYS A 56 -39.86 12.39 -8.67
C LYS A 56 -38.78 11.91 -7.72
N PHE A 57 -37.57 11.68 -8.23
CA PHE A 57 -36.59 11.03 -7.39
C PHE A 57 -36.20 11.89 -6.20
N TYR A 58 -36.33 13.21 -6.34
CA TYR A 58 -35.86 14.09 -5.28
C TYR A 58 -36.83 14.13 -4.10
N GLN A 59 -37.99 13.50 -4.24
CA GLN A 59 -38.96 13.48 -3.15
C GLN A 59 -38.62 12.47 -2.06
N VAL A 60 -37.71 11.53 -2.31
CA VAL A 60 -37.37 10.57 -1.27
C VAL A 60 -35.87 10.63 -1.08
N PRO A 61 -35.40 11.49 -0.19
CA PRO A 61 -33.97 11.52 0.11
C PRO A 61 -33.45 10.23 0.70
N LYS A 62 -32.14 10.07 0.55
CA LYS A 62 -31.38 8.97 1.13
C LYS A 62 -30.46 9.55 2.20
N GLN A 63 -30.46 8.97 3.39
CA GLN A 63 -29.59 9.51 4.45
C GLN A 63 -28.12 9.15 4.21
N MET A 64 -27.23 10.12 4.31
CA MET A 64 -25.81 9.83 4.32
C MET A 64 -25.32 9.67 5.75
N THR A 65 -24.25 8.90 5.91
CA THR A 65 -23.65 8.62 7.21
C THR A 65 -22.29 9.30 7.32
N LYS A 66 -22.04 9.99 8.44
CA LYS A 66 -20.70 10.52 8.71
C LYS A 66 -19.77 9.36 9.05
N ILE A 67 -18.77 9.11 8.20
CA ILE A 67 -17.99 7.89 8.40
C ILE A 67 -16.65 8.19 9.06
N MET A 68 -16.06 9.35 8.76
CA MET A 68 -14.75 9.65 9.34
CA MET A 68 -14.71 9.66 9.23
C MET A 68 -14.59 11.15 9.48
N SER A 69 -13.62 11.54 10.33
CA SER A 69 -13.19 12.93 10.40
C SER A 69 -11.68 12.96 10.45
N ASP A 70 -11.05 13.96 9.82
CA ASP A 70 -9.60 14.08 9.93
C ASP A 70 -9.20 15.30 10.76
N GLY A 71 -10.08 15.79 11.61
CA GLY A 71 -9.78 16.92 12.46
C GLY A 71 -10.04 18.27 11.81
N ILE A 72 -10.14 18.28 10.49
CA ILE A 72 -10.41 19.48 9.71
C ILE A 72 -11.76 19.36 9.03
N SER A 73 -12.00 18.23 8.39
CA SER A 73 -13.21 17.93 7.66
C SER A 73 -13.89 16.70 8.21
N ASP A 74 -15.18 16.62 7.96
CA ASP A 74 -15.94 15.38 8.11
C ASP A 74 -16.22 14.80 6.73
N PHE A 75 -16.33 13.48 6.67
CA PHE A 75 -16.58 12.78 5.42
C PHE A 75 -17.81 11.94 5.58
N TRP A 76 -18.72 12.10 4.61
CA TRP A 76 -20.02 11.46 4.63
C TRP A 76 -20.10 10.51 3.46
N GLN A 77 -20.81 9.40 3.61
CA GLN A 77 -20.89 8.46 2.49
C GLN A 77 -22.27 7.82 2.41
N VAL A 78 -22.63 7.37 1.22
CA VAL A 78 -23.84 6.60 1.00
C VAL A 78 -23.66 5.73 -0.22
N THR A 79 -24.28 4.56 -0.21
CA THR A 79 -24.30 3.67 -1.37
C THR A 79 -25.66 3.81 -2.05
N VAL A 80 -25.66 3.89 -3.38
CA VAL A 80 -26.89 4.10 -4.13
C VAL A 80 -27.00 3.01 -5.19
N THR A 81 -28.18 2.39 -5.33
CA THR A 81 -28.44 1.45 -6.41
C THR A 81 -29.41 2.08 -7.41
N GLU A 82 -29.13 1.92 -8.71
CA GLU A 82 -30.02 2.50 -9.70
C GLU A 82 -30.09 1.58 -10.91
N PRO A 83 -31.22 0.92 -11.14
CA PRO A 83 -31.29 -0.05 -12.24
C PRO A 83 -31.07 0.56 -13.63
N LYS A 84 -31.40 1.85 -13.80
CA LYS A 84 -31.17 2.48 -15.11
C LYS A 84 -29.71 2.83 -15.32
N ARG A 85 -28.85 2.71 -14.28
CA ARG A 85 -27.39 2.85 -14.42
C ARG A 85 -26.99 4.26 -14.86
N ARG A 86 -27.84 5.25 -14.53
CA ARG A 86 -27.55 6.66 -14.77
C ARG A 86 -27.94 7.40 -13.51
N LEU A 87 -27.11 8.32 -13.02
CA LEU A 87 -27.46 8.96 -11.75
C LEU A 87 -27.20 10.46 -11.78
N ALA A 88 -28.22 11.24 -11.42
CA ALA A 88 -28.10 12.66 -11.07
C ALA A 88 -28.29 12.78 -9.56
N TYR A 89 -27.47 13.63 -8.92
CA TYR A 89 -27.60 13.70 -7.45
C TYR A 89 -27.19 15.06 -6.92
N ALA A 90 -27.70 15.37 -5.74
CA ALA A 90 -27.40 16.63 -5.04
C ALA A 90 -27.50 16.37 -3.56
N PHE A 91 -26.99 17.29 -2.75
CA PHE A 91 -26.87 17.07 -1.30
C PHE A 91 -27.72 18.06 -0.54
N LEU A 92 -28.52 17.56 0.41
CA LEU A 92 -29.25 18.43 1.34
C LEU A 92 -28.42 18.47 2.62
N VAL A 93 -27.82 19.63 2.90
CA VAL A 93 -26.89 19.81 4.01
C VAL A 93 -27.52 20.74 5.02
N THR A 94 -27.46 20.37 6.31
CA THR A 94 -28.02 21.24 7.35
C THR A 94 -26.96 21.46 8.42
N ASP A 95 -26.75 22.73 8.78
CA ASP A 95 -25.68 23.10 9.71
C ASP A 95 -26.17 23.08 11.17
N MET A 96 -25.28 23.50 12.09
CA MET A 96 -25.56 23.42 13.53
C MET A 96 -26.71 24.30 13.97
N LEU A 97 -26.91 25.40 13.25
CA LEU A 97 -27.99 26.32 13.58
C LEU A 97 -29.27 25.92 12.87
N GLY A 98 -29.28 24.81 12.13
CA GLY A 98 -30.49 24.42 11.44
C GLY A 98 -30.67 25.05 10.08
N ILE A 99 -29.62 25.61 9.49
CA ILE A 99 -29.76 26.20 8.16
C ILE A 99 -29.52 25.11 7.14
N GLN A 100 -30.50 24.88 6.29
CA GLN A 100 -30.47 23.82 5.29
C GLN A 100 -30.34 24.43 3.90
N LYS A 101 -29.44 23.86 3.10
CA LYS A 101 -29.34 24.21 1.69
C LYS A 101 -29.13 22.97 0.87
N ILE A 102 -29.40 23.12 -0.42
CA ILE A 102 -29.08 22.09 -1.40
CA ILE A 102 -29.08 22.08 -1.39
C ILE A 102 -27.77 22.49 -2.07
N TYR A 103 -26.87 21.53 -2.18
CA TYR A 103 -25.55 21.70 -2.79
C TYR A 103 -25.49 20.79 -4.00
N SER A 104 -25.19 21.37 -5.15
CA SER A 104 -25.18 20.59 -6.39
C SER A 104 -24.06 21.10 -7.27
N ASP A 105 -24.01 20.52 -8.47
CA ASP A 105 -23.02 20.96 -9.45
C ASP A 105 -23.14 22.45 -9.74
N LYS A 106 -24.33 23.03 -9.54
CA LYS A 106 -24.55 24.44 -9.83
C LYS A 106 -24.31 25.34 -8.62
N GLY A 107 -24.02 24.77 -7.45
CA GLY A 107 -23.68 25.57 -6.28
C GLY A 107 -24.62 25.30 -5.12
N PHE A 108 -24.77 26.31 -4.26
CA PHE A 108 -25.63 26.22 -3.08
C PHE A 108 -26.93 27.00 -3.26
N PHE A 109 -28.05 26.41 -2.82
CA PHE A 109 -29.37 27.00 -3.01
C PHE A 109 -30.27 26.73 -1.81
N LYS A 110 -31.19 27.65 -1.50
CA LYS A 110 -32.35 27.25 -0.72
C LYS A 110 -33.15 26.22 -1.53
N VAL A 111 -33.76 25.23 -0.83
CA VAL A 111 -34.54 24.18 -1.52
C VAL A 111 -35.54 24.80 -2.47
N ALA A 112 -36.24 25.84 -2.00
CA ALA A 112 -37.31 26.45 -2.80
C ALA A 112 -36.79 27.08 -4.09
N ASP A 113 -35.51 27.43 -4.15
CA ASP A 113 -34.90 28.05 -5.32
C ASP A 113 -34.22 27.05 -6.24
N ALA A 114 -34.11 25.79 -5.86
CA ALA A 114 -33.38 24.82 -6.67
C ALA A 114 -34.25 24.33 -7.82
N ASP A 115 -33.67 24.29 -9.03
CA ASP A 115 -34.42 23.81 -10.20
C ASP A 115 -34.31 22.29 -10.26
N LEU A 116 -35.07 21.64 -9.38
CA LEU A 116 -34.93 20.20 -9.18
C LEU A 116 -35.46 19.40 -10.35
N MET A 117 -36.25 20.00 -11.24
CA MET A 117 -36.73 19.29 -12.42
C MET A 117 -35.75 19.30 -13.58
N ASP A 118 -34.63 20.00 -13.47
CA ASP A 118 -33.64 20.09 -14.55
C ASP A 118 -32.53 19.10 -14.25
N MET A 119 -32.42 18.05 -15.06
CA MET A 119 -31.32 17.11 -14.81
C MET A 119 -29.96 17.80 -14.72
N ASN A 120 -29.75 18.94 -15.39
CA ASN A 120 -28.41 19.55 -15.39
C ASN A 120 -28.13 20.35 -14.13
N PHE A 121 -29.11 20.47 -13.25
CA PHE A 121 -28.87 21.09 -11.96
C PHE A 121 -27.92 20.24 -11.13
N TYR A 122 -27.99 18.92 -11.33
CA TYR A 122 -27.38 17.94 -10.42
C TYR A 122 -25.93 17.63 -10.79
N PHE A 123 -25.17 17.14 -9.80
CA PHE A 123 -23.97 16.36 -10.15
C PHE A 123 -24.39 15.09 -10.90
N ARG A 124 -23.45 14.55 -11.69
CA ARG A 124 -23.80 13.41 -12.54
C ARG A 124 -22.78 12.27 -12.44
N MET A 125 -23.30 11.02 -12.29
N MET A 125 -23.28 11.04 -12.29
CA MET A 125 -22.64 9.78 -12.72
CA MET A 125 -22.56 9.84 -12.76
C MET A 125 -23.32 9.28 -14.01
C MET A 125 -23.29 9.32 -13.99
N PRO A 126 -22.79 9.57 -15.20
CA PRO A 126 -23.69 9.61 -16.37
C PRO A 126 -24.15 8.24 -16.80
N PHE A 127 -23.25 7.26 -16.75
CA PHE A 127 -23.62 5.87 -16.95
C PHE A 127 -22.65 5.06 -16.12
N PHE A 128 -23.13 4.01 -15.46
CA PHE A 128 -22.24 3.27 -14.56
C PHE A 128 -21.34 2.38 -15.39
N GLN A 129 -20.05 2.70 -15.47
CA GLN A 129 -19.15 2.00 -16.41
C GLN A 129 -18.25 1.04 -15.63
N THR A 130 -18.57 -0.26 -15.67
CA THR A 130 -17.64 -1.12 -14.93
C THR A 130 -16.26 -1.20 -15.57
N ILE A 131 -16.14 -0.92 -16.87
CA ILE A 131 -14.81 -0.96 -17.48
C ILE A 131 -13.89 0.11 -16.87
N ASP A 132 -14.47 1.19 -16.35
CA ASP A 132 -13.71 2.29 -15.74
C ASP A 132 -13.54 2.11 -14.24
N GLN A 133 -14.09 1.07 -13.63
CA GLN A 133 -14.14 1.05 -12.18
C GLN A 133 -12.86 0.47 -11.59
N TYR A 134 -12.69 0.70 -10.29
CA TYR A 134 -11.61 0.08 -9.54
C TYR A 134 -12.02 -1.34 -9.16
N ASN A 135 -11.14 -2.33 -9.42
CA ASN A 135 -11.34 -3.72 -8.99
C ASN A 135 -10.23 -4.18 -8.04
N ALA A 136 -10.61 -4.73 -6.92
CA ALA A 136 -9.64 -5.29 -5.96
C ALA A 136 -9.56 -6.80 -6.13
N PRO A 137 -8.38 -7.36 -6.36
CA PRO A 137 -8.25 -8.83 -6.42
C PRO A 137 -8.49 -9.47 -5.07
N GLU A 138 -9.44 -10.41 -5.03
CA GLU A 138 -9.89 -11.00 -3.76
C GLU A 138 -8.76 -11.72 -3.01
N TRP A 139 -7.80 -12.33 -3.73
CA TRP A 139 -6.80 -13.14 -3.03
C TRP A 139 -5.93 -12.29 -2.10
N VAL A 140 -5.79 -11.00 -2.40
CA VAL A 140 -4.93 -10.16 -1.57
C VAL A 140 -5.49 -10.07 -0.16
N THR A 141 -6.83 -10.15 -0.04
CA THR A 141 -7.49 -10.11 1.25
C THR A 141 -6.87 -11.08 2.24
N ASP A 142 -6.56 -12.29 1.79
CA ASP A 142 -6.08 -13.30 2.73
C ASP A 142 -4.57 -13.32 2.83
N THR A 143 -3.88 -12.27 2.37
CA THR A 143 -2.43 -12.38 2.25
C THR A 143 -1.74 -11.70 3.43
N VAL A 144 -0.69 -12.32 3.93
CA VAL A 144 0.30 -11.64 4.74
C VAL A 144 1.62 -11.78 4.00
N TRP A 145 2.26 -10.66 3.72
CA TRP A 145 3.45 -10.69 2.89
C TRP A 145 4.70 -10.78 3.74
N TYR A 146 5.79 -11.25 3.11
CA TYR A 146 7.10 -11.31 3.73
C TYR A 146 8.10 -10.81 2.71
N GLN A 147 8.88 -9.77 3.05
CA GLN A 147 9.76 -9.14 2.08
C GLN A 147 11.18 -9.63 2.25
N ILE A 148 11.75 -10.14 1.15
CA ILE A 148 13.11 -10.72 1.14
C ILE A 148 14.00 -9.85 0.27
N PHE A 149 15.07 -9.34 0.89
CA PHE A 149 16.20 -8.71 0.18
C PHE A 149 17.18 -9.84 -0.14
N PRO A 150 17.22 -10.34 -1.37
CA PRO A 150 17.78 -11.71 -1.57
C PRO A 150 19.25 -11.84 -1.23
N GLU A 151 20.04 -10.78 -1.36
CA GLU A 151 21.46 -10.90 -1.01
C GLU A 151 21.65 -11.27 0.45
N ARG A 152 20.63 -11.08 1.29
CA ARG A 152 20.82 -11.16 2.73
C ARG A 152 19.90 -12.16 3.44
N PHE A 153 19.13 -12.97 2.71
CA PHE A 153 18.19 -13.85 3.39
C PHE A 153 18.82 -15.22 3.70
N ALA A 154 19.37 -15.91 2.70
CA ALA A 154 20.09 -17.13 2.99
C ALA A 154 21.01 -17.47 1.82
N ASN A 155 22.23 -17.90 2.13
CA ASN A 155 23.16 -18.39 1.11
C ASN A 155 22.91 -19.88 0.95
N GLY A 156 22.21 -20.27 -0.11
CA GLY A 156 21.98 -21.67 -0.36
C GLY A 156 22.98 -22.29 -1.31
N ASP A 157 23.97 -21.51 -1.76
CA ASP A 157 24.91 -22.01 -2.75
C ASP A 157 26.17 -21.14 -2.71
N VAL A 158 27.25 -21.63 -2.07
CA VAL A 158 28.46 -20.81 -2.05
C VAL A 158 29.08 -20.68 -3.45
N SER A 159 28.75 -21.58 -4.38
CA SER A 159 29.47 -21.59 -5.65
C SER A 159 29.10 -20.42 -6.55
N ASN A 160 28.01 -19.70 -6.25
CA ASN A 160 27.68 -18.54 -7.04
C ASN A 160 28.01 -17.25 -6.31
N ASP A 161 28.77 -17.32 -5.23
CA ASP A 161 28.98 -16.12 -4.41
C ASP A 161 29.83 -15.09 -5.15
N PRO A 162 29.57 -13.80 -4.96
CA PRO A 162 30.43 -12.76 -5.52
C PRO A 162 31.83 -12.84 -4.96
N VAL A 163 32.81 -12.34 -5.73
CA VAL A 163 34.15 -12.18 -5.19
C VAL A 163 34.10 -11.31 -3.94
N GLY A 164 34.83 -11.73 -2.91
CA GLY A 164 34.88 -10.93 -1.69
C GLY A 164 33.72 -11.15 -0.75
N THR A 165 32.90 -12.16 -0.99
CA THR A 165 31.80 -12.47 -0.07
C THR A 165 32.33 -12.66 1.35
N LYS A 166 31.62 -12.03 2.33
CA LYS A 166 31.97 -12.05 3.75
C LYS A 166 31.27 -13.20 4.47
N PRO A 167 31.83 -13.67 5.58
CA PRO A 167 31.14 -14.70 6.37
C PRO A 167 29.79 -14.21 6.85
N TRP A 168 28.85 -15.13 6.93
CA TRP A 168 27.46 -14.79 7.25
C TRP A 168 27.38 -14.45 8.73
N ASP A 169 27.21 -13.17 9.04
CA ASP A 169 27.23 -12.74 10.43
C ASP A 169 26.16 -11.68 10.58
N SER A 170 25.05 -12.07 11.22
CA SER A 170 23.92 -11.18 11.44
C SER A 170 24.23 -10.00 12.35
N THR A 171 25.36 -10.03 13.07
CA THR A 171 25.74 -8.90 13.92
C THR A 171 26.58 -7.86 13.19
N ASP A 172 26.99 -8.12 11.94
CA ASP A 172 27.74 -7.14 11.17
C ASP A 172 26.92 -5.89 10.94
N HIS A 173 27.64 -4.80 10.67
CA HIS A 173 27.07 -3.57 10.13
C HIS A 173 27.49 -3.46 8.67
N PRO A 174 26.66 -3.92 7.74
CA PRO A 174 27.12 -4.04 6.35
C PRO A 174 27.40 -2.69 5.73
N GLY A 175 28.41 -2.66 4.86
CA GLY A 175 28.67 -1.47 4.07
C GLY A 175 27.85 -1.48 2.79
N ARG A 176 27.87 -0.35 2.10
N ARG A 176 27.89 -0.36 2.08
CA ARG A 176 27.05 -0.20 0.90
CA ARG A 176 27.05 -0.20 0.90
C ARG A 176 27.41 -1.21 -0.18
C ARG A 176 27.45 -1.10 -0.26
N GLU A 177 28.67 -1.64 -0.27
CA GLU A 177 29.10 -2.51 -1.37
C GLU A 177 29.49 -3.91 -0.90
N ASP A 178 29.00 -4.34 0.27
CA ASP A 178 29.33 -5.68 0.79
C ASP A 178 28.47 -6.77 0.14
N PHE A 179 29.01 -7.98 0.13
CA PHE A 179 28.25 -9.16 -0.30
C PHE A 179 28.36 -10.24 0.74
N TYR A 180 27.24 -10.92 0.98
CA TYR A 180 27.17 -12.06 1.88
C TYR A 180 26.72 -13.33 1.19
N GLY A 181 26.34 -13.27 -0.09
CA GLY A 181 26.11 -14.50 -0.85
C GLY A 181 24.69 -15.01 -0.83
N GLY A 182 23.73 -14.24 -0.33
CA GLY A 182 22.34 -14.71 -0.36
C GLY A 182 21.87 -14.94 -1.79
N ASP A 183 20.99 -15.93 -1.98
CA ASP A 183 20.60 -16.31 -3.34
C ASP A 183 19.24 -17.00 -3.34
N LEU A 184 18.78 -17.36 -4.55
CA LEU A 184 17.47 -18.00 -4.69
C LEU A 184 17.44 -19.38 -4.04
N GLN A 185 18.56 -20.13 -4.08
CA GLN A 185 18.53 -21.43 -3.42
C GLN A 185 18.31 -21.26 -1.92
N GLY A 186 18.83 -20.17 -1.33
CA GLY A 186 18.62 -19.95 0.10
C GLY A 186 17.15 -19.70 0.44
N ILE A 187 16.44 -19.00 -0.44
CA ILE A 187 15.01 -18.80 -0.22
C ILE A 187 14.30 -20.15 -0.28
N LEU A 188 14.61 -20.92 -1.33
CA LEU A 188 14.00 -22.24 -1.46
C LEU A 188 14.27 -23.07 -0.21
N ASP A 189 15.48 -22.98 0.32
CA ASP A 189 15.87 -23.76 1.50
C ASP A 189 15.06 -23.40 2.73
N HIS A 190 14.49 -22.18 2.79
CA HIS A 190 13.80 -21.74 4.00
C HIS A 190 12.31 -21.45 3.78
N LEU A 191 11.72 -22.02 2.71
CA LEU A 191 10.28 -21.89 2.55
C LEU A 191 9.51 -22.46 3.76
N ASP A 192 10.06 -23.49 4.41
CA ASP A 192 9.41 -24.05 5.61
C ASP A 192 9.26 -23.00 6.69
N HIS A 193 10.28 -22.16 6.87
CA HIS A 193 10.19 -21.08 7.86
C HIS A 193 9.06 -20.13 7.52
N LEU A 194 8.94 -19.79 6.24
CA LEU A 194 7.85 -18.88 5.86
C LEU A 194 6.49 -19.52 6.08
N GLN A 195 6.36 -20.81 5.76
CA GLN A 195 5.08 -21.47 5.97
C GLN A 195 4.75 -21.58 7.47
N GLU A 196 5.77 -21.84 8.30
CA GLU A 196 5.54 -21.95 9.74
C GLU A 196 5.16 -20.59 10.34
N LEU A 197 5.74 -19.50 9.81
CA LEU A 197 5.34 -18.18 10.27
C LEU A 197 3.91 -17.84 9.83
N GLY A 198 3.44 -18.43 8.76
CA GLY A 198 2.09 -18.22 8.27
C GLY A 198 1.98 -17.22 7.15
N ILE A 199 3.08 -16.86 6.51
CA ILE A 199 2.91 -15.87 5.46
C ILE A 199 2.43 -16.54 4.17
N SER A 200 1.81 -15.74 3.31
CA SER A 200 1.21 -16.31 2.09
C SER A 200 1.59 -15.48 0.86
N GLY A 201 2.55 -14.57 0.98
CA GLY A 201 3.09 -13.90 -0.18
C GLY A 201 4.52 -13.49 0.09
N ILE A 202 5.41 -13.62 -0.91
CA ILE A 202 6.79 -13.16 -0.83
C ILE A 202 6.96 -11.97 -1.76
N TYR A 203 7.53 -10.88 -1.24
CA TYR A 203 7.95 -9.73 -2.06
C TYR A 203 9.46 -9.79 -2.14
N LEU A 204 10.00 -9.99 -3.35
CA LEU A 204 11.45 -9.99 -3.56
C LEU A 204 11.91 -8.63 -4.07
N ASN A 205 12.97 -8.11 -3.46
CA ASN A 205 13.72 -7.01 -4.04
C ASN A 205 14.34 -7.49 -5.35
N PRO A 206 14.96 -6.62 -6.16
CA PRO A 206 15.29 -7.00 -7.53
C PRO A 206 16.21 -8.22 -7.60
N ILE A 207 15.94 -9.09 -8.58
CA ILE A 207 16.73 -10.31 -8.76
C ILE A 207 17.38 -10.39 -10.13
N PHE A 208 17.23 -9.36 -10.97
CA PHE A 208 17.79 -9.44 -12.32
C PHE A 208 19.24 -8.96 -12.34
N GLN A 209 19.95 -9.39 -13.36
CA GLN A 209 21.39 -9.13 -13.45
C GLN A 209 21.72 -7.65 -13.25
N ALA A 210 22.62 -7.38 -12.29
CA ALA A 210 23.02 -6.03 -11.94
C ALA A 210 24.28 -6.12 -11.10
N PRO A 211 25.15 -5.11 -11.10
CA PRO A 211 26.46 -5.29 -10.43
C PRO A 211 26.45 -5.13 -8.92
N SER A 212 25.42 -4.54 -8.35
CA SER A 212 25.40 -4.18 -6.94
C SER A 212 24.78 -5.29 -6.08
N ASN A 213 24.79 -5.07 -4.74
CA ASN A 213 24.12 -6.01 -3.84
C ASN A 213 22.61 -5.81 -3.78
N HIS A 214 22.09 -4.67 -4.22
CA HIS A 214 20.65 -4.38 -4.19
C HIS A 214 19.98 -4.52 -5.57
N LYS A 215 20.74 -4.33 -6.65
CA LYS A 215 20.34 -4.62 -8.02
C LYS A 215 19.24 -3.71 -8.53
N TYR A 216 19.19 -2.48 -7.99
CA TYR A 216 18.36 -1.46 -8.60
C TYR A 216 19.04 -0.75 -9.75
N ASP A 217 20.32 -1.04 -10.00
CA ASP A 217 21.05 -0.51 -11.17
C ASP A 217 21.15 -1.59 -12.25
N THR A 218 20.00 -1.85 -12.86
CA THR A 218 19.82 -3.05 -13.69
C THR A 218 20.80 -3.09 -14.85
N GLN A 219 21.42 -4.26 -15.05
CA GLN A 219 22.16 -4.49 -16.27
C GLN A 219 21.33 -5.23 -17.33
N ASP A 220 20.54 -6.24 -16.94
CA ASP A 220 19.73 -7.01 -17.89
C ASP A 220 18.46 -7.50 -17.20
N TYR A 221 17.32 -6.95 -17.59
CA TYR A 221 16.03 -7.32 -16.99
C TYR A 221 15.58 -8.72 -17.38
N MET A 222 16.19 -9.32 -18.40
CA MET A 222 15.70 -10.59 -18.92
C MET A 222 16.46 -11.78 -18.37
N THR A 223 17.33 -11.57 -17.38
CA THR A 223 18.20 -12.61 -16.83
C THR A 223 18.24 -12.51 -15.32
N VAL A 224 17.98 -13.64 -14.64
CA VAL A 224 18.21 -13.71 -13.20
C VAL A 224 19.68 -13.47 -12.96
N ASP A 225 20.00 -12.63 -11.99
CA ASP A 225 21.40 -12.38 -11.73
C ASP A 225 22.10 -13.71 -11.43
N PRO A 226 23.22 -14.02 -12.08
CA PRO A 226 23.82 -15.36 -11.88
C PRO A 226 24.36 -15.60 -10.50
N HIS A 227 24.55 -14.56 -9.68
CA HIS A 227 24.92 -14.78 -8.28
C HIS A 227 23.72 -15.18 -7.44
N PHE A 228 22.53 -14.99 -7.98
CA PHE A 228 21.29 -15.42 -7.34
C PHE A 228 20.77 -16.75 -7.86
N GLY A 229 20.94 -17.00 -9.16
CA GLY A 229 20.43 -18.25 -9.70
C GLY A 229 20.26 -18.14 -11.21
N ASP A 230 19.37 -18.93 -11.75
CA ASP A 230 19.12 -18.92 -13.19
C ASP A 230 17.63 -19.14 -13.39
N ALA A 231 17.20 -19.15 -14.64
CA ALA A 231 15.77 -19.24 -14.93
C ALA A 231 15.17 -20.53 -14.37
N LYS A 232 15.88 -21.66 -14.53
CA LYS A 232 15.35 -22.92 -14.03
C LYS A 232 15.13 -22.87 -12.52
N LEU A 233 16.08 -22.28 -11.80
CA LEU A 233 15.96 -22.19 -10.35
C LEU A 233 14.84 -21.25 -9.95
N PHE A 234 14.68 -20.12 -10.64
CA PHE A 234 13.58 -19.22 -10.30
C PHE A 234 12.23 -19.91 -10.53
N LYS A 235 12.09 -20.64 -11.65
CA LYS A 235 10.85 -21.38 -11.87
C LYS A 235 10.59 -22.36 -10.75
N GLN A 236 11.64 -23.11 -10.34
CA GLN A 236 11.51 -24.03 -9.21
C GLN A 236 11.02 -23.31 -7.96
N LEU A 237 11.59 -22.14 -7.68
CA LEU A 237 11.19 -21.36 -6.50
C LEU A 237 9.72 -20.95 -6.58
N VAL A 238 9.29 -20.41 -7.72
CA VAL A 238 7.89 -19.97 -7.83
C VAL A 238 6.95 -21.16 -7.67
N GLN A 239 7.29 -22.29 -8.30
CA GLN A 239 6.41 -23.44 -8.17
C GLN A 239 6.38 -23.95 -6.73
N ALA A 240 7.53 -23.90 -6.03
CA ALA A 240 7.55 -24.39 -4.64
C ALA A 240 6.77 -23.46 -3.72
N ALA A 241 6.90 -22.15 -3.96
CA ALA A 241 6.10 -21.20 -3.21
C ALA A 241 4.60 -21.45 -3.44
N HIS A 242 4.21 -21.58 -4.71
CA HIS A 242 2.80 -21.75 -5.05
C HIS A 242 2.25 -23.05 -4.43
N GLU A 243 3.07 -24.10 -4.42
CA GLU A 243 2.66 -25.37 -3.82
C GLU A 243 2.35 -25.21 -2.35
N ARG A 244 3.04 -24.27 -1.69
N ARG A 244 3.01 -24.26 -1.69
CA ARG A 244 2.79 -23.95 -0.30
CA ARG A 244 2.73 -23.99 -0.28
C ARG A 244 1.81 -22.79 -0.10
C ARG A 244 1.64 -22.96 -0.06
N GLY A 245 1.05 -22.43 -1.13
CA GLY A 245 0.05 -21.39 -0.98
C GLY A 245 0.66 -20.01 -0.84
N ILE A 246 1.88 -19.81 -1.33
CA ILE A 246 2.61 -18.55 -1.21
C ILE A 246 2.72 -17.91 -2.58
N ARG A 247 2.14 -16.72 -2.72
CA ARG A 247 2.30 -16.02 -3.99
CA ARG A 247 2.24 -15.90 -3.93
C ARG A 247 3.60 -15.24 -4.02
N VAL A 248 3.98 -14.81 -5.23
CA VAL A 248 5.29 -14.20 -5.49
C VAL A 248 5.14 -12.85 -6.21
N MET A 249 5.75 -11.82 -5.65
CA MET A 249 5.78 -10.46 -6.22
C MET A 249 7.23 -10.08 -6.49
N LEU A 250 7.53 -9.70 -7.73
CA LEU A 250 8.87 -9.25 -8.07
C LEU A 250 8.93 -7.73 -8.12
N ASP A 251 10.16 -7.21 -8.12
CA ASP A 251 10.42 -5.78 -8.11
C ASP A 251 10.76 -5.32 -9.55
N ALA A 252 9.94 -4.43 -10.12
CA ALA A 252 10.15 -3.89 -11.46
C ALA A 252 10.82 -2.52 -11.31
N VAL A 253 12.04 -2.39 -11.84
CA VAL A 253 12.82 -1.16 -11.69
C VAL A 253 12.81 -0.47 -13.05
N PHE A 254 11.71 0.19 -13.38
CA PHE A 254 11.50 0.72 -14.72
C PHE A 254 11.74 2.22 -14.85
N ASN A 255 12.03 2.95 -13.76
CA ASN A 255 12.23 4.38 -13.91
C ASN A 255 13.58 4.69 -14.56
N HIS A 256 14.57 3.85 -14.29
CA HIS A 256 15.95 4.08 -14.68
C HIS A 256 16.57 2.71 -14.86
N ILE A 257 17.66 2.70 -15.60
CA ILE A 257 18.46 1.50 -15.86
C ILE A 257 19.86 1.74 -15.29
N GLY A 258 20.61 0.65 -15.06
CA GLY A 258 21.98 0.85 -14.61
C GLY A 258 22.91 1.25 -15.74
N ASP A 259 24.00 1.92 -15.36
CA ASP A 259 24.94 2.40 -16.38
C ASP A 259 25.81 1.30 -16.97
N LYS A 260 25.71 0.05 -16.50
CA LYS A 260 26.45 -1.02 -17.16
C LYS A 260 25.56 -1.81 -18.10
N SER A 261 24.30 -1.38 -18.27
CA SER A 261 23.43 -2.00 -19.27
C SER A 261 24.02 -1.86 -20.68
N VAL A 262 23.66 -2.81 -21.55
CA VAL A 262 24.04 -2.68 -22.96
C VAL A 262 23.62 -1.33 -23.53
N GLN A 263 22.40 -0.90 -23.18
CA GLN A 263 21.85 0.31 -23.79
C GLN A 263 22.65 1.56 -23.41
N TRP A 264 22.94 1.71 -22.11
CA TRP A 264 23.72 2.88 -21.71
C TRP A 264 25.15 2.80 -22.23
N GLN A 265 25.76 1.61 -22.20
CA GLN A 265 27.11 1.52 -22.73
C GLN A 265 27.14 1.87 -24.21
N ASP A 266 26.08 1.55 -24.94
CA ASP A 266 26.02 1.94 -26.35
C ASP A 266 25.94 3.46 -26.48
N VAL A 267 25.22 4.12 -25.57
CA VAL A 267 25.20 5.59 -25.59
C VAL A 267 26.58 6.15 -25.32
N LEU A 268 27.32 5.53 -24.39
CA LEU A 268 28.66 6.04 -24.12
C LEU A 268 29.60 5.83 -25.30
N LYS A 269 29.39 4.76 -26.08
CA LYS A 269 30.24 4.52 -27.23
C LYS A 269 29.87 5.42 -28.41
N ASN A 270 28.58 5.52 -28.70
CA ASN A 270 28.12 6.10 -29.96
C ASN A 270 27.52 7.49 -29.85
N GLU A 271 27.34 8.02 -28.64
CA GLU A 271 26.74 9.34 -28.42
C GLU A 271 25.35 9.38 -29.08
N GLN A 272 25.02 10.47 -29.76
CA GLN A 272 23.65 10.60 -30.24
C GLN A 272 23.37 9.62 -31.36
N ALA A 273 24.40 9.06 -32.00
CA ALA A 273 24.15 8.07 -33.03
C ALA A 273 23.81 6.71 -32.45
N SER A 274 23.75 6.58 -31.13
CA SER A 274 23.39 5.30 -30.56
C SER A 274 21.92 5.02 -30.87
N PRO A 275 21.55 3.78 -31.25
CA PRO A 275 20.13 3.44 -31.36
C PRO A 275 19.36 3.61 -30.05
N TYR A 276 20.06 3.83 -28.94
CA TYR A 276 19.40 3.99 -27.66
C TYR A 276 19.43 5.42 -27.16
N ALA A 277 19.90 6.38 -27.96
CA ALA A 277 20.02 7.75 -27.46
C ALA A 277 18.71 8.29 -26.93
N ASP A 278 17.61 8.02 -27.63
CA ASP A 278 16.32 8.56 -27.24
C ASP A 278 15.60 7.64 -26.26
N TRP A 279 16.26 6.57 -25.77
CA TRP A 279 15.73 5.81 -24.65
C TRP A 279 16.00 6.47 -23.33
N PHE A 280 16.76 7.57 -23.34
CA PHE A 280 17.18 8.30 -22.15
C PHE A 280 16.79 9.77 -22.26
N HIS A 281 17.22 10.55 -21.27
CA HIS A 281 16.95 11.99 -21.18
C HIS A 281 18.29 12.72 -21.19
N ILE A 282 18.93 12.79 -22.35
CA ILE A 282 20.29 13.30 -22.45
C ILE A 282 20.23 14.75 -22.92
N HIS A 283 20.75 15.65 -22.09
CA HIS A 283 20.71 17.07 -22.39
C HIS A 283 21.87 17.50 -23.26
N GLN A 284 23.02 16.90 -23.06
CA GLN A 284 24.21 17.24 -23.82
C GLN A 284 25.01 15.98 -24.06
N PHE A 285 25.48 15.80 -25.29
CA PHE A 285 26.40 14.72 -25.61
C PHE A 285 27.82 15.26 -25.67
N PRO A 286 28.84 14.45 -25.31
CA PRO A 286 28.71 13.08 -24.80
C PRO A 286 28.05 13.07 -23.42
N ALA A 287 27.39 11.98 -23.08
CA ALA A 287 26.82 11.85 -21.75
C ALA A 287 27.95 11.74 -20.74
N THR A 288 28.06 12.73 -19.86
N THR A 288 28.02 12.67 -19.80
CA THR A 288 29.21 12.86 -18.96
CA THR A 288 29.14 12.64 -18.89
C THR A 288 28.74 13.27 -17.57
C THR A 288 28.75 13.27 -17.57
N TYR A 289 29.67 13.15 -16.62
CA TYR A 289 29.48 13.69 -15.27
C TYR A 289 30.86 13.81 -14.65
N THR A 290 30.93 14.62 -13.58
CA THR A 290 32.18 14.76 -12.84
C THR A 290 32.11 13.88 -11.61
N PRO A 291 32.97 12.89 -11.44
CA PRO A 291 32.83 12.02 -10.27
C PRO A 291 33.10 12.80 -8.99
N THR A 292 32.51 12.33 -7.90
CA THR A 292 32.77 12.86 -6.57
C THR A 292 33.22 11.73 -5.66
N ASP A 293 33.57 12.07 -4.42
CA ASP A 293 33.96 11.05 -3.45
C ASP A 293 32.80 10.14 -3.05
N ASN A 294 31.57 10.47 -3.42
CA ASN A 294 30.43 9.60 -3.15
C ASN A 294 30.03 9.01 -4.49
N PHE A 295 30.15 7.68 -4.62
CA PHE A 295 29.87 7.09 -5.93
C PHE A 295 28.43 7.30 -6.35
N GLU A 296 27.54 7.56 -5.40
CA GLU A 296 26.13 7.71 -5.69
C GLU A 296 25.73 9.16 -5.97
N PHE A 297 26.70 10.07 -6.13
CA PHE A 297 26.37 11.47 -6.34
C PHE A 297 27.25 12.09 -7.41
N ALA A 298 26.62 12.80 -8.35
CA ALA A 298 27.31 13.73 -9.23
C ALA A 298 26.47 14.99 -9.34
N ALA A 299 27.15 16.15 -9.41
CA ALA A 299 26.43 17.41 -9.43
C ALA A 299 26.01 17.85 -10.82
N ASP A 300 26.60 17.27 -11.87
CA ASP A 300 26.53 17.89 -13.19
C ASP A 300 26.33 16.87 -14.31
N ALA A 301 25.71 15.72 -14.02
CA ALA A 301 25.49 14.76 -15.10
C ALA A 301 24.68 15.42 -16.22
N THR A 302 25.06 15.16 -17.47
CA THR A 302 24.36 15.79 -18.58
C THR A 302 23.10 15.02 -19.00
N TYR A 303 22.59 14.17 -18.12
CA TYR A 303 21.40 13.39 -18.40
C TYR A 303 20.61 13.29 -17.10
N ASP A 304 19.29 13.13 -17.22
CA ASP A 304 18.48 12.95 -16.02
C ASP A 304 18.77 11.59 -15.41
N THR A 305 18.71 11.53 -14.09
CA THR A 305 19.04 10.33 -13.34
C THR A 305 18.01 10.14 -12.25
N PHE A 306 17.94 8.92 -11.71
CA PHE A 306 17.38 8.79 -10.37
C PHE A 306 18.18 9.67 -9.42
N ASP A 307 17.49 10.44 -8.57
CA ASP A 307 18.15 11.29 -7.59
C ASP A 307 19.26 12.05 -8.31
N TYR A 308 20.50 12.00 -7.82
CA TYR A 308 21.65 12.59 -8.49
C TYR A 308 22.72 11.53 -8.73
N THR A 309 22.30 10.26 -8.87
CA THR A 309 23.37 9.26 -9.11
C THR A 309 23.63 9.08 -10.60
N PRO A 310 24.88 9.22 -11.04
CA PRO A 310 25.16 9.12 -12.47
C PRO A 310 25.06 7.69 -12.96
N HIS A 311 24.95 6.72 -12.06
CA HIS A 311 24.89 5.31 -12.43
C HIS A 311 23.49 4.84 -12.74
N MET A 312 22.47 5.67 -12.58
CA MET A 312 21.08 5.28 -12.85
C MET A 312 20.43 6.27 -13.80
N PRO A 313 20.84 6.27 -15.07
CA PRO A 313 20.19 7.14 -16.04
C PRO A 313 18.69 6.84 -16.17
N LYS A 314 17.89 7.91 -16.16
CA LYS A 314 16.44 7.79 -16.27
C LYS A 314 16.03 7.30 -17.67
N LEU A 315 15.12 6.33 -17.70
CA LEU A 315 14.54 5.87 -18.97
C LEU A 315 13.47 6.82 -19.48
N ASN A 316 13.43 6.98 -20.79
CA ASN A 316 12.40 7.78 -21.43
C ASN A 316 11.23 6.87 -21.78
N THR A 317 10.29 6.73 -20.83
CA THR A 317 9.20 5.79 -21.00
C THR A 317 8.10 6.32 -21.94
N SER A 318 8.25 7.54 -22.48
CA SER A 318 7.33 7.98 -23.52
CA SER A 318 7.36 8.04 -23.54
C SER A 318 7.76 7.51 -24.90
N ASN A 319 8.97 7.00 -25.05
CA ASN A 319 9.48 6.49 -26.31
C ASN A 319 8.82 5.14 -26.56
N PRO A 320 8.09 4.96 -27.67
CA PRO A 320 7.44 3.67 -27.95
C PRO A 320 8.38 2.48 -27.89
N GLU A 321 9.66 2.65 -28.25
CA GLU A 321 10.58 1.49 -28.17
C GLU A 321 10.83 1.10 -26.73
N VAL A 322 10.88 2.09 -25.82
CA VAL A 322 11.05 1.80 -24.40
C VAL A 322 9.78 1.19 -23.84
N VAL A 323 8.62 1.74 -24.23
CA VAL A 323 7.36 1.15 -23.82
C VAL A 323 7.34 -0.33 -24.19
N ASP A 324 7.69 -0.65 -25.45
CA ASP A 324 7.64 -2.03 -25.91
C ASP A 324 8.63 -2.91 -25.13
N TYR A 325 9.83 -2.40 -24.89
CA TYR A 325 10.84 -3.14 -24.16
C TYR A 325 10.36 -3.48 -22.75
N LEU A 326 9.85 -2.47 -22.03
CA LEU A 326 9.40 -2.69 -20.65
C LEU A 326 8.17 -3.58 -20.59
N LEU A 327 7.23 -3.41 -21.51
CA LEU A 327 6.06 -4.28 -21.47
C LEU A 327 6.45 -5.71 -21.79
N ASN A 328 7.43 -5.91 -22.68
CA ASN A 328 7.87 -7.27 -22.96
C ASN A 328 8.54 -7.91 -21.74
N ILE A 329 9.33 -7.13 -20.97
CA ILE A 329 9.88 -7.62 -19.71
C ILE A 329 8.76 -7.99 -18.74
N ALA A 330 7.80 -7.06 -18.57
CA ALA A 330 6.72 -7.27 -17.60
C ALA A 330 5.94 -8.51 -17.94
N THR A 331 5.67 -8.72 -19.23
CA THR A 331 4.90 -9.88 -19.60
CA THR A 331 4.93 -9.87 -19.74
C THR A 331 5.72 -11.16 -19.54
N TYR A 332 7.03 -11.09 -19.82
CA TYR A 332 7.86 -12.29 -19.80
C TYR A 332 7.83 -12.96 -18.44
N TRP A 333 8.06 -12.19 -17.38
CA TRP A 333 8.18 -12.87 -16.09
C TRP A 333 6.84 -13.44 -15.64
N VAL A 334 5.73 -12.78 -16.02
CA VAL A 334 4.40 -13.29 -15.68
C VAL A 334 4.08 -14.53 -16.50
N LYS A 335 4.27 -14.45 -17.81
CA LYS A 335 3.86 -15.56 -18.68
C LYS A 335 4.72 -16.78 -18.47
N GLU A 336 6.04 -16.58 -18.36
CA GLU A 336 6.95 -17.70 -18.34
C GLU A 336 7.12 -18.27 -16.93
N PHE A 337 6.95 -17.45 -15.89
CA PHE A 337 7.21 -17.93 -14.54
C PHE A 337 6.01 -17.86 -13.63
N ASP A 338 4.89 -17.29 -14.09
CA ASP A 338 3.64 -17.29 -13.34
C ASP A 338 3.74 -16.49 -12.05
N ILE A 339 4.55 -15.43 -12.01
CA ILE A 339 4.51 -14.58 -10.82
C ILE A 339 3.14 -13.91 -10.69
N ASP A 340 2.84 -13.45 -9.46
CA ASP A 340 1.49 -13.02 -9.10
C ASP A 340 1.32 -11.52 -9.01
N ALA A 341 2.42 -10.78 -9.02
CA ALA A 341 2.37 -9.34 -8.74
C ALA A 341 3.69 -8.71 -9.16
N TRP A 342 3.62 -7.40 -9.45
CA TRP A 342 4.78 -6.56 -9.64
C TRP A 342 4.73 -5.40 -8.66
N ARG A 343 5.83 -5.20 -7.95
CA ARG A 343 6.08 -4.00 -7.14
C ARG A 343 6.88 -3.03 -8.02
N LEU A 344 6.42 -1.78 -8.12
CA LEU A 344 6.95 -0.81 -9.08
C LEU A 344 7.85 0.20 -8.35
N ASP A 345 9.15 0.04 -8.52
CA ASP A 345 10.11 0.95 -7.93
C ASP A 345 9.99 2.39 -8.46
N VAL A 346 10.05 3.38 -7.57
CA VAL A 346 9.94 4.81 -7.92
C VAL A 346 8.82 5.02 -8.96
N ALA A 347 7.64 4.44 -8.69
CA ALA A 347 6.62 4.35 -9.71
C ALA A 347 6.08 5.72 -10.09
N ASN A 348 6.09 6.66 -9.14
CA ASN A 348 5.52 7.97 -9.40
C ASN A 348 6.27 8.76 -10.47
N GLU A 349 7.53 8.43 -10.77
CA GLU A 349 8.32 9.22 -11.71
C GLU A 349 8.19 8.72 -13.15
N ILE A 350 7.34 7.72 -13.39
CA ILE A 350 6.98 7.24 -14.73
C ILE A 350 5.56 7.72 -15.05
N ASP A 351 5.33 8.00 -16.33
CA ASP A 351 4.11 8.65 -16.76
C ASP A 351 2.88 7.73 -16.66
N HIS A 352 1.71 8.37 -16.53
CA HIS A 352 0.45 7.64 -16.43
C HIS A 352 0.16 6.87 -17.72
N HIS A 353 0.53 7.45 -18.87
CA HIS A 353 0.25 6.75 -20.13
C HIS A 353 0.89 5.36 -20.13
N PHE A 354 2.16 5.30 -19.70
CA PHE A 354 2.80 3.99 -19.60
C PHE A 354 2.08 3.09 -18.61
N TRP A 355 1.74 3.61 -17.43
CA TRP A 355 1.14 2.71 -16.45
C TRP A 355 -0.22 2.18 -16.87
N ARG A 356 -0.96 2.93 -17.68
CA ARG A 356 -2.22 2.40 -18.23
C ARG A 356 -1.93 1.25 -19.18
N LYS A 357 -0.92 1.40 -20.04
CA LYS A 357 -0.59 0.30 -20.92
C LYS A 357 -0.09 -0.92 -20.16
N PHE A 358 0.70 -0.67 -19.11
CA PHE A 358 1.19 -1.74 -18.24
C PHE A 358 0.03 -2.47 -17.56
N HIS A 359 -0.89 -1.69 -17.00
CA HIS A 359 -2.09 -2.26 -16.39
C HIS A 359 -2.84 -3.14 -17.37
N ASP A 360 -3.14 -2.60 -18.55
CA ASP A 360 -3.93 -3.36 -19.52
C ASP A 360 -3.23 -4.66 -19.89
N ALA A 361 -1.91 -4.60 -20.07
CA ALA A 361 -1.15 -5.80 -20.44
C ALA A 361 -1.18 -6.85 -19.34
N MET A 362 -1.02 -6.40 -18.09
CA MET A 362 -1.03 -7.35 -16.98
C MET A 362 -2.40 -7.95 -16.77
N MET A 363 -3.47 -7.14 -16.87
CA MET A 363 -4.81 -7.70 -16.62
C MET A 363 -5.23 -8.64 -17.75
N ALA A 364 -4.69 -8.43 -18.95
CA ALA A 364 -4.96 -9.34 -20.05
C ALA A 364 -4.33 -10.69 -19.81
N LEU A 365 -3.18 -10.70 -19.15
CA LEU A 365 -2.59 -11.99 -18.76
C LEU A 365 -3.32 -12.62 -17.58
N LYS A 366 -3.59 -11.85 -16.54
CA LYS A 366 -4.12 -12.34 -15.26
C LYS A 366 -5.07 -11.31 -14.73
N PRO A 367 -6.38 -11.53 -14.87
CA PRO A 367 -7.35 -10.52 -14.40
C PRO A 367 -7.21 -10.17 -12.92
N ASP A 368 -6.66 -11.07 -12.09
CA ASP A 368 -6.49 -10.82 -10.66
C ASP A 368 -5.07 -10.38 -10.31
N PHE A 369 -4.33 -9.84 -11.29
CA PHE A 369 -2.96 -9.44 -11.04
C PHE A 369 -2.90 -8.31 -10.01
N TYR A 370 -1.84 -8.27 -9.23
CA TYR A 370 -1.67 -7.25 -8.21
C TYR A 370 -0.53 -6.32 -8.63
N ILE A 371 -0.82 -5.02 -8.73
CA ILE A 371 0.15 -4.02 -9.19
C ILE A 371 0.37 -3.05 -8.04
N LEU A 372 1.58 -3.06 -7.49
CA LEU A 372 1.88 -2.32 -6.26
C LEU A 372 2.89 -1.22 -6.57
N GLY A 373 2.50 0.04 -6.46
CA GLY A 373 3.44 1.15 -6.75
C GLY A 373 4.22 1.58 -5.51
N GLU A 374 5.52 1.82 -5.66
CA GLU A 374 6.29 2.42 -4.56
C GLU A 374 6.15 3.95 -4.65
N ILE A 375 5.31 4.55 -3.80
CA ILE A 375 5.10 6.00 -3.75
C ILE A 375 4.96 6.36 -2.28
N TRP A 376 5.67 7.41 -1.83
CA TRP A 376 5.73 7.79 -0.43
C TRP A 376 4.84 8.98 -0.11
N HIS A 377 4.12 9.49 -1.09
CA HIS A 377 3.23 10.65 -0.93
C HIS A 377 1.83 10.25 -1.42
N THR A 378 0.89 11.19 -1.35
CA THR A 378 -0.48 10.90 -1.83
C THR A 378 -0.46 10.32 -3.22
N SER A 379 -1.29 9.28 -3.43
CA SER A 379 -1.19 8.48 -4.65
C SER A 379 -2.53 8.36 -5.37
N GLN A 380 -3.43 9.32 -5.19
CA GLN A 380 -4.79 9.20 -5.75
C GLN A 380 -4.78 8.94 -7.25
N SER A 381 -3.95 9.68 -7.99
CA SER A 381 -4.03 9.59 -9.44
C SER A 381 -3.55 8.26 -10.01
N TRP A 382 -2.89 7.41 -9.21
CA TRP A 382 -2.50 6.09 -9.69
C TRP A 382 -3.45 5.01 -9.24
N LEU A 383 -4.47 5.36 -8.45
CA LEU A 383 -5.32 4.36 -7.78
C LEU A 383 -6.79 4.49 -8.18
N VAL A 384 -7.03 4.99 -9.40
CA VAL A 384 -8.40 5.12 -9.90
C VAL A 384 -9.01 3.79 -10.30
N GLY A 385 -8.17 2.84 -10.76
CA GLY A 385 -8.68 1.58 -11.28
C GLY A 385 -8.07 1.17 -12.61
N ASP A 386 -7.25 2.05 -13.21
CA ASP A 386 -6.69 1.86 -14.55
C ASP A 386 -5.18 1.78 -14.55
N GLU A 387 -4.55 1.88 -13.38
CA GLU A 387 -3.10 1.87 -13.28
C GLU A 387 -2.66 0.87 -12.19
N PHE A 388 -2.45 1.31 -10.95
CA PHE A 388 -2.05 0.37 -9.91
C PHE A 388 -3.26 -0.20 -9.15
N THR A 389 -3.01 -1.30 -8.43
CA THR A 389 -3.94 -1.77 -7.40
C THR A 389 -3.78 -1.00 -6.11
N ALA A 390 -2.54 -0.70 -5.73
CA ALA A 390 -2.27 -0.13 -4.43
C ALA A 390 -0.90 0.51 -4.46
N VAL A 391 -0.52 1.16 -3.36
CA VAL A 391 0.87 1.56 -3.18
C VAL A 391 1.41 1.02 -1.86
N MET A 392 2.74 1.04 -1.74
CA MET A 392 3.36 0.82 -0.46
C MET A 392 2.97 1.96 0.46
N ASN A 393 2.33 1.64 1.57
CA ASN A 393 1.51 2.63 2.28
C ASN A 393 2.34 3.35 3.34
N TYR A 394 3.48 3.89 2.92
CA TYR A 394 4.41 4.48 3.87
C TYR A 394 3.85 5.70 4.62
N SER A 395 2.92 6.46 4.01
CA SER A 395 2.39 7.60 4.77
C SER A 395 1.54 7.13 5.94
N TYR A 396 0.87 5.98 5.77
CA TYR A 396 0.00 5.42 6.80
C TYR A 396 0.81 4.79 7.93
N THR A 397 1.74 3.89 7.57
CA THR A 397 2.57 3.27 8.61
C THR A 397 3.50 4.29 9.24
N GLY A 398 3.91 5.31 8.48
CA GLY A 398 4.71 6.36 9.07
C GLY A 398 3.97 7.13 10.15
N ALA A 399 2.67 7.39 9.93
CA ALA A 399 1.90 8.03 10.98
C ALA A 399 1.78 7.15 12.22
N ILE A 400 1.58 5.84 12.00
CA ILE A 400 1.53 4.92 13.13
C ILE A 400 2.84 4.94 13.92
N LEU A 401 3.96 4.86 13.21
CA LEU A 401 5.25 4.89 13.91
C LEU A 401 5.40 6.19 14.71
N GLN A 402 5.02 7.32 14.12
CA GLN A 402 5.16 8.61 14.80
C GLN A 402 4.38 8.60 16.10
N TYR A 403 3.17 8.03 16.09
CA TYR A 403 2.37 7.96 17.31
C TYR A 403 3.05 7.10 18.36
N PHE A 404 3.43 5.88 17.99
CA PHE A 404 3.91 4.99 19.04
C PHE A 404 5.29 5.40 19.56
N LEU A 405 6.11 6.03 18.72
CA LEU A 405 7.48 6.31 19.11
C LEU A 405 7.66 7.68 19.70
N GLU A 406 6.70 8.57 19.52
CA GLU A 406 6.81 9.90 20.07
C GLU A 406 5.64 10.16 21.00
N ASN A 407 5.24 11.40 21.21
CA ASN A 407 4.26 11.65 22.25
C ASN A 407 3.01 12.33 21.70
N GLU A 408 2.72 12.09 20.43
CA GLU A 408 1.53 12.65 19.81
C GLU A 408 0.28 12.25 20.57
N SER A 409 -0.76 13.06 20.41
CA SER A 409 -2.04 12.63 20.92
C SER A 409 -2.58 11.49 20.06
N ALA A 410 -3.42 10.67 20.69
CA ALA A 410 -4.19 9.69 19.92
C ALA A 410 -5.06 10.39 18.90
N ASP A 411 -5.60 11.57 19.25
CA ASP A 411 -6.42 12.30 18.29
C ASP A 411 -5.66 12.55 16.99
N ALA A 412 -4.40 12.98 17.11
CA ALA A 412 -3.59 13.28 15.92
C ALA A 412 -3.42 12.05 15.03
N LEU A 413 -3.14 10.89 15.63
CA LEU A 413 -2.97 9.68 14.83
C LEU A 413 -4.27 9.35 14.11
N VAL A 414 -5.39 9.38 14.86
CA VAL A 414 -6.66 9.00 14.24
C VAL A 414 -7.00 9.96 13.12
N GLN A 415 -6.71 11.24 13.30
CA GLN A 415 -6.95 12.21 12.24
C GLN A 415 -6.13 11.88 10.99
N LYS A 416 -4.87 11.53 11.17
CA LYS A 416 -4.04 11.23 10.01
C LYS A 416 -4.51 9.98 9.29
N MET A 417 -4.85 8.91 10.05
CA MET A 417 -5.31 7.71 9.38
C MET A 417 -6.63 7.95 8.67
N SER A 418 -7.52 8.72 9.29
CA SER A 418 -8.79 9.04 8.65
C SER A 418 -8.60 9.83 7.37
N HIS A 419 -7.70 10.82 7.40
CA HIS A 419 -7.39 11.55 6.18
C HIS A 419 -6.95 10.62 5.07
N GLN A 420 -6.05 9.69 5.40
CA GLN A 420 -5.53 8.73 4.42
CA GLN A 420 -5.55 8.80 4.37
C GLN A 420 -6.64 7.89 3.83
N LEU A 421 -7.48 7.32 4.69
CA LEU A 421 -8.53 6.46 4.17
C LEU A 421 -9.46 7.24 3.25
N MET A 422 -9.71 8.51 3.55
CA MET A 422 -10.69 9.22 2.77
C MET A 422 -10.09 9.77 1.47
N LEU A 423 -8.78 9.61 1.26
CA LEU A 423 -8.22 9.92 -0.06
C LEU A 423 -8.63 8.92 -1.15
N TYR A 424 -9.05 7.70 -0.77
CA TYR A 424 -9.10 6.60 -1.73
C TYR A 424 -10.44 5.90 -1.65
N ARG A 425 -10.73 5.14 -2.70
CA ARG A 425 -11.93 4.28 -2.69
C ARG A 425 -11.79 3.22 -1.59
N ASP A 426 -12.93 2.75 -1.07
CA ASP A 426 -12.89 1.84 0.07
C ASP A 426 -12.10 0.58 -0.29
N ALA A 427 -12.35 0.01 -1.48
CA ALA A 427 -11.65 -1.21 -1.83
C ALA A 427 -10.14 -1.00 -1.99
N THR A 428 -9.74 0.18 -2.49
CA THR A 428 -8.33 0.52 -2.59
C THR A 428 -7.66 0.47 -1.23
N ASN A 429 -8.33 1.01 -0.20
CA ASN A 429 -7.73 1.01 1.13
C ASN A 429 -7.44 -0.41 1.62
N ARG A 430 -8.25 -1.38 1.21
N ARG A 430 -8.25 -1.39 1.21
N ARG A 430 -8.25 -1.38 1.20
CA ARG A 430 -8.00 -2.76 1.61
CA ARG A 430 -7.97 -2.76 1.64
CA ARG A 430 -8.03 -2.76 1.60
C ARG A 430 -6.79 -3.35 0.90
C ARG A 430 -6.84 -3.41 0.85
C ARG A 430 -6.87 -3.40 0.85
N MET A 431 -6.44 -2.82 -0.27
CA MET A 431 -5.31 -3.34 -1.06
C MET A 431 -3.95 -2.73 -0.72
N MET A 432 -3.95 -1.61 0.02
CA MET A 432 -2.70 -0.95 0.39
C MET A 432 -1.77 -1.88 1.12
N PHE A 433 -0.47 -1.72 0.87
CA PHE A 433 0.57 -2.62 1.39
C PHE A 433 1.23 -1.95 2.59
N ASN A 434 0.93 -2.46 3.79
CA ASN A 434 1.42 -1.84 5.03
C ASN A 434 2.67 -2.55 5.54
N THR A 435 3.83 -1.89 5.46
CA THR A 435 5.02 -2.45 6.09
C THR A 435 5.60 -1.41 7.03
N VAL A 436 5.87 -1.79 8.26
CA VAL A 436 6.38 -0.76 9.17
C VAL A 436 7.81 -0.39 8.82
N ASP A 437 8.60 -1.33 8.31
CA ASP A 437 9.96 -1.03 7.89
C ASP A 437 10.23 -1.75 6.56
N SER A 438 11.35 -1.44 5.96
CA SER A 438 11.72 -2.06 4.69
C SER A 438 13.22 -1.89 4.48
N HIS A 439 13.68 -2.24 3.28
CA HIS A 439 15.08 -2.08 2.91
C HIS A 439 15.45 -0.62 2.74
N ASP A 440 14.46 0.29 2.84
CA ASP A 440 14.70 1.73 2.71
C ASP A 440 14.44 2.50 3.99
N THR A 441 14.29 1.81 5.13
CA THR A 441 14.04 2.49 6.41
C THR A 441 14.91 1.90 7.52
N PRO A 442 15.03 2.56 8.68
CA PRO A 442 15.56 1.86 9.86
C PRO A 442 14.62 0.73 10.24
N ARG A 443 15.17 -0.27 10.91
CA ARG A 443 14.39 -1.41 11.40
C ARG A 443 13.49 -1.02 12.56
N LEU A 444 12.29 -1.62 12.60
CA LEU A 444 11.34 -1.44 13.70
C LEU A 444 12.01 -1.60 15.07
N MET A 445 12.78 -2.67 15.28
CA MET A 445 13.29 -2.91 16.61
C MET A 445 14.31 -1.84 17.03
N THR A 446 15.02 -1.28 16.05
CA THR A 446 15.89 -0.14 16.33
C THR A 446 15.11 1.15 16.58
N LEU A 447 14.06 1.40 15.79
CA LEU A 447 13.26 2.59 16.06
C LEU A 447 12.63 2.53 17.44
N ALA A 448 12.28 1.31 17.88
CA ALA A 448 11.67 1.10 19.20
C ALA A 448 12.70 1.03 20.32
N HIS A 449 13.96 1.29 20.05
CA HIS A 449 15.03 1.21 21.06
C HIS A 449 15.01 -0.13 21.78
N GLU A 450 14.76 -1.18 21.02
CA GLU A 450 14.81 -2.56 21.49
C GLU A 450 13.79 -2.81 22.60
N ASP A 451 12.74 -2.00 22.64
CA ASP A 451 11.58 -2.21 23.52
C ASP A 451 10.64 -3.15 22.78
N LYS A 452 10.74 -4.45 23.13
CA LYS A 452 9.94 -5.46 22.45
C LYS A 452 8.45 -5.22 22.61
N GLN A 453 8.01 -4.79 23.79
CA GLN A 453 6.59 -4.55 23.99
C GLN A 453 6.09 -3.47 23.04
N LEU A 454 6.88 -2.43 22.87
CA LEU A 454 6.50 -1.36 21.96
C LEU A 454 6.45 -1.89 20.51
N ALA A 455 7.44 -2.69 20.14
CA ALA A 455 7.47 -3.27 18.81
C ALA A 455 6.22 -4.11 18.55
N LYS A 456 5.84 -4.95 19.54
CA LYS A 456 4.62 -5.75 19.42
C LYS A 456 3.39 -4.86 19.27
N SER A 457 3.32 -3.75 20.01
CA SER A 457 2.16 -2.86 19.89
C SER A 457 2.05 -2.27 18.50
N ILE A 458 3.18 -1.84 17.95
CA ILE A 458 3.21 -1.23 16.61
C ILE A 458 2.77 -2.24 15.57
N LEU A 459 3.33 -3.45 15.63
CA LEU A 459 2.97 -4.51 14.69
C LEU A 459 1.48 -4.84 14.80
N THR A 460 0.98 -5.01 16.03
CA THR A 460 -0.43 -5.41 16.18
C THR A 460 -1.36 -4.33 15.69
N PHE A 461 -1.05 -3.07 16.01
CA PHE A 461 -1.89 -1.97 15.56
C PHE A 461 -1.92 -1.93 14.04
N THR A 462 -0.74 -2.13 13.42
CA THR A 462 -0.67 -2.10 11.96
C THR A 462 -1.44 -3.28 11.35
N PHE A 463 -1.32 -4.46 11.95
CA PHE A 463 -2.00 -5.62 11.42
C PHE A 463 -3.52 -5.54 11.55
N MET A 464 -4.06 -4.63 12.38
CA MET A 464 -5.51 -4.44 12.47
C MET A 464 -6.04 -3.49 11.42
N GLN A 465 -5.17 -2.83 10.63
CA GLN A 465 -5.62 -1.80 9.69
C GLN A 465 -6.21 -2.42 8.43
N PRO A 466 -6.89 -1.61 7.58
CA PRO A 466 -7.54 -2.19 6.40
C PRO A 466 -6.55 -2.78 5.41
N GLY A 467 -5.39 -2.16 5.25
CA GLY A 467 -4.43 -2.62 4.26
C GLY A 467 -3.87 -3.98 4.62
N VAL A 468 -3.23 -4.61 3.63
CA VAL A 468 -2.62 -5.92 3.82
C VAL A 468 -1.23 -5.74 4.41
N PRO A 469 -0.85 -6.50 5.44
CA PRO A 469 0.45 -6.28 6.09
C PRO A 469 1.56 -7.09 5.45
N SER A 470 2.78 -6.58 5.64
CA SER A 470 4.01 -7.21 5.18
C SER A 470 5.00 -7.20 6.33
N ILE A 471 5.80 -8.26 6.41
CA ILE A 471 6.84 -8.45 7.41
C ILE A 471 8.19 -8.39 6.68
N TYR A 472 9.02 -7.40 6.99
CA TYR A 472 10.34 -7.35 6.40
C TYR A 472 11.23 -8.43 7.04
N TYR A 473 11.98 -9.17 6.21
CA TYR A 473 12.68 -10.38 6.71
C TYR A 473 13.45 -10.09 8.01
N GLY A 474 13.28 -10.97 9.01
CA GLY A 474 13.99 -10.79 10.25
C GLY A 474 13.21 -10.05 11.32
N THR A 475 12.14 -9.35 10.95
CA THR A 475 11.31 -8.70 11.96
C THR A 475 10.85 -9.70 13.02
N GLU A 476 10.52 -10.91 12.57
CA GLU A 476 9.97 -11.94 13.45
C GLU A 476 10.96 -12.43 14.49
N TYR A 477 12.24 -12.12 14.34
CA TYR A 477 13.25 -12.48 15.33
C TYR A 477 13.85 -11.28 16.01
N GLY A 478 13.34 -10.08 15.73
CA GLY A 478 13.79 -8.87 16.40
C GLY A 478 15.07 -8.27 15.83
N MET A 479 15.34 -8.45 14.54
CA MET A 479 16.56 -7.89 13.96
C MET A 479 16.63 -6.38 14.10
N THR A 480 17.84 -5.92 14.36
CA THR A 480 18.11 -4.50 14.53
C THR A 480 18.76 -3.95 13.27
N GLY A 481 18.71 -2.62 13.14
CA GLY A 481 19.45 -1.97 12.08
C GLY A 481 19.01 -0.54 11.94
N GLU A 482 19.98 0.35 11.72
CA GLU A 482 19.71 1.71 11.28
C GLU A 482 19.33 1.72 9.81
N ASN A 483 19.23 2.89 9.20
CA ASN A 483 18.81 2.91 7.79
C ASN A 483 19.90 2.30 6.89
N ASP A 484 19.47 1.91 5.68
CA ASP A 484 20.26 1.45 4.53
C ASP A 484 21.66 2.09 4.56
N PRO A 485 22.74 1.28 4.63
CA PRO A 485 22.78 -0.19 4.44
C PRO A 485 22.57 -1.03 5.70
N ASP A 486 22.44 -0.39 6.87
CA ASP A 486 22.41 -1.14 8.13
C ASP A 486 21.12 -1.90 8.33
N ASP A 487 20.09 -1.63 7.52
CA ASP A 487 18.82 -2.36 7.59
C ASP A 487 18.85 -3.63 6.77
N ARG A 488 20.02 -3.98 6.21
CA ARG A 488 20.16 -5.14 5.35
C ARG A 488 21.16 -6.13 5.95
N LYS A 489 21.11 -6.34 7.26
CA LYS A 489 22.00 -7.34 7.87
C LYS A 489 21.67 -8.75 7.39
N PRO A 490 22.66 -9.63 7.38
CA PRO A 490 22.38 -11.05 7.09
C PRO A 490 21.32 -11.58 8.04
N MET A 491 20.34 -12.31 7.46
CA MET A 491 19.25 -12.87 8.26
C MET A 491 19.77 -13.68 9.45
N VAL A 492 19.10 -13.58 10.58
CA VAL A 492 19.55 -14.27 11.80
C VAL A 492 19.01 -15.71 11.81
N TRP A 493 19.89 -16.66 11.47
CA TRP A 493 19.53 -18.07 11.52
C TRP A 493 20.07 -18.78 12.76
N GLN A 494 20.92 -18.13 13.54
CA GLN A 494 21.47 -18.74 14.74
C GLN A 494 20.47 -18.59 15.88
N PRO A 495 19.97 -19.69 16.46
CA PRO A 495 18.92 -19.55 17.48
C PRO A 495 19.33 -18.70 18.68
N GLU A 496 20.62 -18.73 19.06
CA GLU A 496 21.05 -17.95 20.22
CA GLU A 496 21.07 -17.96 20.21
C GLU A 496 20.86 -16.46 20.02
N LEU A 497 20.72 -16.02 18.77
CA LEU A 497 20.56 -14.62 18.43
C LEU A 497 19.14 -14.25 18.04
N GLN A 498 18.22 -15.20 18.06
CA GLN A 498 16.84 -14.97 17.67
C GLN A 498 15.97 -14.68 18.88
N ASP A 499 15.04 -13.74 18.75
CA ASP A 499 14.07 -13.54 19.82
C ASP A 499 12.94 -14.54 19.60
N HIS A 500 12.96 -15.65 20.35
CA HIS A 500 11.93 -16.69 20.16
C HIS A 500 10.56 -16.26 20.65
N ASP A 501 10.51 -15.44 21.71
CA ASP A 501 9.23 -14.93 22.19
C ASP A 501 8.58 -14.05 21.14
N LEU A 502 9.37 -13.22 20.45
CA LEU A 502 8.80 -12.39 19.38
C LEU A 502 8.34 -13.25 18.22
N TYR A 503 9.08 -14.31 17.88
CA TYR A 503 8.66 -15.19 16.80
C TYR A 503 7.33 -15.85 17.12
N ASP A 504 7.19 -16.38 18.34
N ASP A 504 7.20 -16.39 18.34
CA ASP A 504 5.92 -16.97 18.76
CA ASP A 504 5.93 -16.98 18.78
C ASP A 504 4.78 -15.96 18.67
C ASP A 504 4.80 -15.97 18.68
N PHE A 505 5.06 -14.73 19.10
CA PHE A 505 4.05 -13.70 19.07
C PHE A 505 3.63 -13.40 17.64
N MET A 506 4.62 -13.28 16.73
N MET A 506 4.62 -13.26 16.73
CA MET A 506 4.31 -12.97 15.34
CA MET A 506 4.29 -12.95 15.34
C MET A 506 3.49 -14.08 14.69
C MET A 506 3.49 -14.08 14.69
N GLN A 507 3.78 -15.33 15.04
CA GLN A 507 2.93 -16.43 14.58
C GLN A 507 1.49 -16.22 15.02
N LYS A 508 1.30 -15.85 16.30
CA LYS A 508 -0.07 -15.66 16.78
C LYS A 508 -0.74 -14.47 16.07
N LEU A 509 0.01 -13.40 15.85
CA LEU A 509 -0.54 -12.20 15.23
C LEU A 509 -0.94 -12.45 13.78
N VAL A 510 -0.09 -13.17 13.04
CA VAL A 510 -0.42 -13.55 11.69
C VAL A 510 -1.70 -14.37 11.67
N GLN A 511 -1.85 -15.29 12.63
CA GLN A 511 -3.07 -16.08 12.66
C GLN A 511 -4.30 -15.22 12.96
N VAL A 512 -4.18 -14.25 13.86
CA VAL A 512 -5.34 -13.37 14.10
C VAL A 512 -5.70 -12.63 12.81
N ARG A 513 -4.70 -12.20 12.06
CA ARG A 513 -4.98 -11.48 10.82
C ARG A 513 -5.67 -12.38 9.79
N ARG A 514 -5.14 -13.59 9.57
CA ARG A 514 -5.66 -14.41 8.48
C ARG A 514 -6.92 -15.16 8.89
N GLN A 515 -7.03 -15.58 10.13
CA GLN A 515 -8.19 -16.36 10.53
C GLN A 515 -9.36 -15.52 11.02
N VAL A 516 -9.12 -14.29 11.48
CA VAL A 516 -10.18 -13.49 12.07
C VAL A 516 -10.38 -12.23 11.23
N ILE A 517 -9.36 -11.38 11.15
CA ILE A 517 -9.53 -10.07 10.51
C ILE A 517 -9.88 -10.21 9.03
N ALA A 518 -9.19 -11.09 8.33
CA ALA A 518 -9.44 -11.26 6.90
C ALA A 518 -10.78 -11.94 6.61
N LYS A 519 -11.42 -12.56 7.60
CA LYS A 519 -12.66 -13.30 7.36
C LYS A 519 -13.90 -12.56 7.78
N LEU A 520 -13.79 -11.35 8.31
CA LEU A 520 -14.98 -10.53 8.43
C LEU A 520 -15.51 -10.22 7.02
N SER A 521 -16.81 -9.89 6.95
CA SER A 521 -17.50 -9.62 5.70
C SER A 521 -17.81 -8.13 5.61
N ASP A 522 -17.18 -7.44 4.67
CA ASP A 522 -17.40 -6.02 4.41
C ASP A 522 -17.51 -5.22 5.71
N ASP A 523 -16.43 -5.24 6.48
CA ASP A 523 -16.49 -4.68 7.82
C ASP A 523 -16.37 -3.15 7.80
N LYS A 524 -16.76 -2.55 8.93
CA LYS A 524 -16.60 -1.13 9.21
C LYS A 524 -15.50 -0.98 10.25
N ILE A 525 -14.57 -0.05 10.05
CA ILE A 525 -13.51 0.22 11.03
C ILE A 525 -13.84 1.52 11.78
N ILE A 526 -13.67 1.51 13.09
CA ILE A 526 -13.93 2.66 13.93
C ILE A 526 -12.70 2.92 14.77
N PHE A 527 -12.24 4.17 14.80
CA PHE A 527 -11.17 4.62 15.69
C PHE A 527 -11.80 5.43 16.80
N ASP A 528 -11.68 4.96 18.05
CA ASP A 528 -12.18 5.70 19.21
C ASP A 528 -11.00 6.10 20.07
N VAL A 529 -10.88 7.39 20.37
CA VAL A 529 -9.91 7.83 21.35
C VAL A 529 -10.62 7.76 22.69
N ILE A 530 -10.19 6.84 23.57
CA ILE A 530 -10.87 6.67 24.84
C ILE A 530 -10.11 7.29 25.98
N GLY A 531 -8.92 7.81 25.73
CA GLY A 531 -8.23 8.52 26.80
C GLY A 531 -6.93 9.05 26.27
N GLU A 532 -6.13 9.65 27.16
CA GLU A 532 -4.86 10.19 26.70
C GLU A 532 -3.97 9.07 26.20
N ARG A 533 -3.66 9.10 24.92
CA ARG A 533 -2.89 8.05 24.26
C ARG A 533 -3.50 6.67 24.53
N GLN A 534 -4.83 6.60 24.51
CA GLN A 534 -5.52 5.32 24.61
C GLN A 534 -6.52 5.25 23.45
N ILE A 535 -6.39 4.19 22.64
CA ILE A 535 -7.17 4.01 21.42
C ILE A 535 -7.92 2.69 21.47
N ARG A 536 -9.19 2.73 21.06
CA ARG A 536 -9.96 1.52 20.85
C ARG A 536 -10.24 1.40 19.36
N LEU A 537 -9.71 0.37 18.75
CA LEU A 537 -9.87 0.09 17.34
C LEU A 537 -10.91 -1.01 17.19
N THR A 538 -11.96 -0.76 16.42
CA THR A 538 -13.00 -1.76 16.23
C THR A 538 -13.15 -2.06 14.74
N ARG A 539 -13.17 -3.35 14.39
CA ARG A 539 -13.56 -3.78 13.06
C ARG A 539 -14.78 -4.66 13.18
N GLU A 540 -15.84 -4.37 12.45
CA GLU A 540 -17.01 -5.22 12.67
C GLU A 540 -17.82 -5.41 11.40
N ASP A 541 -18.37 -6.62 11.27
CA ASP A 541 -19.30 -6.99 10.24
C ASP A 541 -20.68 -7.19 10.91
N ASN A 542 -21.57 -7.95 10.28
CA ASN A 542 -22.90 -8.04 10.87
C ASN A 542 -23.02 -9.06 12.00
N GLN A 543 -22.06 -9.97 12.17
CA GLN A 543 -22.14 -10.95 13.26
C GLN A 543 -21.05 -10.80 14.32
N THR A 544 -19.88 -10.28 13.96
CA THR A 544 -18.71 -10.38 14.83
C THR A 544 -17.96 -9.05 14.86
N ARG A 545 -17.51 -8.67 16.05
CA ARG A 545 -16.78 -7.43 16.25
C ARG A 545 -15.44 -7.80 16.84
N ILE A 546 -14.35 -7.32 16.24
CA ILE A 546 -13.01 -7.45 16.80
C ILE A 546 -12.64 -6.10 17.39
N VAL A 547 -12.19 -6.10 18.64
CA VAL A 547 -11.83 -4.87 19.33
C VAL A 547 -10.39 -4.99 19.80
N GLY A 548 -9.60 -3.96 19.55
CA GLY A 548 -8.26 -3.87 20.10
C GLY A 548 -8.16 -2.61 20.93
N VAL A 549 -7.75 -2.72 22.19
CA VAL A 549 -7.50 -1.55 23.02
C VAL A 549 -5.99 -1.43 23.22
N PHE A 550 -5.47 -0.22 22.96
CA PHE A 550 -4.04 0.06 23.03
C PHE A 550 -3.84 1.16 24.06
N ASN A 551 -3.08 0.84 25.13
CA ASN A 551 -2.79 1.81 26.19
C ASN A 551 -1.36 2.27 25.98
N ASN A 552 -1.18 3.47 25.44
CA ASN A 552 0.15 4.00 25.21
C ASN A 552 0.41 5.27 25.99
N GLY A 553 -0.30 5.44 27.11
CA GLY A 553 -0.03 6.51 28.06
C GLY A 553 0.98 6.04 29.10
N THR A 554 1.01 6.73 30.22
CA THR A 554 1.92 6.40 31.31
C THR A 554 1.18 5.86 32.54
N THR A 555 -0.12 5.62 32.43
CA THR A 555 -0.89 5.08 33.54
C THR A 555 -1.51 3.75 33.13
N ASP A 556 -1.97 3.00 34.13
CA ASP A 556 -2.70 1.78 33.88
C ASP A 556 -4.11 2.10 33.40
N LEU A 557 -4.66 1.16 32.64
CA LEU A 557 -6.00 1.25 32.08
C LEU A 557 -6.76 -0.01 32.44
N THR A 558 -7.96 0.15 33.01
CA THR A 558 -8.84 -0.98 33.32
C THR A 558 -9.90 -1.09 32.23
N VAL A 559 -10.14 -2.32 31.76
CA VAL A 559 -11.23 -2.54 30.83
C VAL A 559 -12.09 -3.67 31.38
N ALA A 560 -13.33 -3.75 30.88
CA ALA A 560 -14.16 -4.89 31.23
C ALA A 560 -13.49 -6.19 30.78
N GLN A 561 -13.59 -7.24 31.63
CA GLN A 561 -13.00 -8.53 31.26
C GLN A 561 -13.69 -9.07 30.03
N PRO A 562 -12.99 -9.23 28.90
CA PRO A 562 -13.61 -9.82 27.72
C PRO A 562 -13.85 -11.30 27.92
N THR A 563 -14.90 -11.79 27.28
CA THR A 563 -15.21 -13.21 27.32
C THR A 563 -14.23 -14.01 26.47
N SER A 564 -13.76 -13.44 25.36
CA SER A 564 -13.04 -14.15 24.30
C SER A 564 -11.82 -13.31 23.89
N ILE A 565 -10.77 -13.36 24.71
CA ILE A 565 -9.53 -12.67 24.41
C ILE A 565 -8.77 -13.44 23.32
N LEU A 566 -8.34 -12.73 22.26
CA LEU A 566 -7.56 -13.33 21.19
C LEU A 566 -6.06 -13.14 21.36
N LEU A 567 -5.65 -11.99 21.89
CA LEU A 567 -4.23 -11.68 21.99
C LEU A 567 -4.07 -10.55 22.98
N LYS A 568 -3.10 -10.68 23.89
CA LYS A 568 -2.82 -9.62 24.86
C LYS A 568 -1.39 -9.78 25.36
N THR A 569 -0.87 -8.70 25.95
CA THR A 569 0.49 -8.75 26.51
C THR A 569 0.58 -8.78 28.03
N ASN A 570 -0.39 -8.22 28.75
CA ASN A 570 -0.40 -8.34 30.21
C ASN A 570 -0.94 -9.71 30.60
N GLN A 571 -0.47 -10.21 31.76
CA GLN A 571 -1.06 -11.42 32.36
CA GLN A 571 -1.08 -11.43 32.29
C GLN A 571 -2.53 -11.19 32.70
N SER A 572 -2.89 -9.95 33.05
CA SER A 572 -4.25 -9.64 33.49
C SER A 572 -5.26 -9.71 32.35
N GLU A 573 -6.48 -10.10 32.68
CA GLU A 573 -7.57 -10.03 31.70
C GLU A 573 -8.33 -8.71 31.77
N THR A 574 -7.93 -7.78 32.64
CA THR A 574 -8.65 -6.53 32.82
C THR A 574 -7.75 -5.31 32.87
N GLN A 575 -6.47 -5.47 33.16
CA GLN A 575 -5.54 -4.39 33.39
C GLN A 575 -4.59 -4.31 32.22
N LEU A 576 -4.41 -3.11 31.67
CA LEU A 576 -3.38 -2.83 30.67
C LEU A 576 -2.37 -1.85 31.27
N ALA A 577 -1.12 -2.28 31.41
CA ALA A 577 -0.06 -1.36 31.84
C ALA A 577 0.35 -0.49 30.66
N PRO A 578 1.18 0.52 30.87
CA PRO A 578 1.67 1.30 29.73
C PRO A 578 2.30 0.42 28.66
N ASN A 579 1.82 0.61 27.43
CA ASN A 579 2.18 -0.02 26.15
C ASN A 579 1.61 -1.42 26.02
N ASP A 580 0.74 -1.85 26.94
CA ASP A 580 0.01 -3.09 26.72
C ASP A 580 -1.13 -2.89 25.71
N PHE A 581 -1.57 -3.98 25.14
CA PHE A 581 -2.77 -3.99 24.32
C PHE A 581 -3.51 -5.28 24.57
N MET A 582 -4.79 -5.27 24.18
CA MET A 582 -5.61 -6.48 24.27
C MET A 582 -6.59 -6.48 23.12
N ILE A 583 -6.60 -7.60 22.40
CA ILE A 583 -7.53 -7.85 21.29
C ILE A 583 -8.54 -8.89 21.74
N TRP A 584 -9.81 -8.67 21.44
CA TRP A 584 -10.85 -9.66 21.75
C TRP A 584 -11.90 -9.67 20.67
N THR A 585 -12.75 -10.68 20.75
CA THR A 585 -13.86 -10.82 19.81
C THR A 585 -15.17 -10.92 20.58
N GLU A 586 -16.21 -10.32 20.03
CA GLU A 586 -17.52 -10.36 20.68
C GLU A 586 -18.62 -10.39 19.62
N PRO A 587 -19.75 -11.02 19.93
CA PRO A 587 -20.84 -11.03 18.96
C PRO A 587 -21.49 -9.66 18.84
N VAL A 588 -22.00 -9.37 17.64
CA VAL A 588 -22.73 -8.11 17.42
C VAL A 588 -24.18 -8.29 17.85
N ARG A 589 -24.67 -7.39 18.72
CA ARG A 589 -26.06 -7.45 19.18
C ARG A 589 -26.85 -6.17 18.83
#